data_7DCU
#
_entry.id   7DCU
#
_cell.length_a   46.640
_cell.length_b   67.060
_cell.length_c   139.650
_cell.angle_alpha   90.000
_cell.angle_beta   90.000
_cell.angle_gamma   90.000
#
_symmetry.space_group_name_H-M   'P 2 21 21'
#
loop_
_entity.id
_entity.type
_entity.pdbx_description
1 polymer 'Heat shock factor protein 2'
2 polymer "DNA (5'-D(*TP*GP*CP*GP*TP*TP*CP*TP*AP*GP*AP*AP*TP*AP*TP*TP*CP*GP*CP*GP*G)-3')"
3 polymer "DNA (5'-D(*AP*CP*CP*GP*CP*GP*AP*AP*TP*AP*TP*TP*CP*TP*AP*GP*AP*AP*CP*GP*C)-3')"
4 non-polymer 'SODIUM ION'
5 water water
#
loop_
_entity_poly.entity_id
_entity_poly.type
_entity_poly.pdbx_seq_one_letter_code
_entity_poly.pdbx_strand_id
1 'polypeptide(L)'
;GHHHHHHVPAFLSKLWTLVEETHTNEFITWSQNGQSFLVLDEQRFAKEILPKYFKHNNMASFVRQLNMYGFRKVVHIDSG
IVKQERDGPVEFQHPYFKQGQDDLLENIKRKVS
;
A,B,C
2 'polydeoxyribonucleotide'
;(DT)(DG)(DC)(DG)(DT)(DT)(DC)(DT)(DA)(DG)(DA)(DA)(DT)(DA)(DT)(DT)(DC)(DG)(DC)(DG)
(DG)
;
D
3 'polydeoxyribonucleotide'
;(DA)(DC)(DC)(DG)(DC)(DG)(DA)(DA)(DT)(DA)(DT)(DT)(DC)(DT)(DA)(DG)(DA)(DA)(DC)(DG)
(DC)
;
E
#
# COMPACT_ATOMS: atom_id res chain seq x y z
N HIS A 2 -22.72 -7.70 3.88
CA HIS A 2 -22.81 -7.10 5.20
C HIS A 2 -22.39 -8.10 6.29
N HIS A 3 -21.14 -8.00 6.73
CA HIS A 3 -20.63 -8.93 7.71
C HIS A 3 -21.27 -8.69 9.07
N HIS A 4 -21.18 -9.71 9.95
CA HIS A 4 -22.01 -9.66 11.15
C HIS A 4 -21.50 -10.56 12.28
N HIS A 5 -20.26 -11.04 12.25
CA HIS A 5 -19.71 -11.83 13.36
C HIS A 5 -18.98 -10.88 14.28
N HIS A 6 -19.73 -10.30 15.22
CA HIS A 6 -19.22 -9.22 16.07
C HIS A 6 -18.20 -9.68 17.09
N HIS A 7 -18.13 -10.99 17.36
CA HIS A 7 -17.29 -11.55 18.43
C HIS A 7 -15.88 -11.91 17.96
N VAL A 8 -15.56 -11.72 16.68
CA VAL A 8 -14.23 -12.03 16.18
C VAL A 8 -13.70 -10.79 15.48
N PRO A 9 -12.38 -10.71 15.25
CA PRO A 9 -11.82 -9.55 14.55
C PRO A 9 -12.50 -9.32 13.22
N ALA A 10 -12.52 -8.05 12.80
CA ALA A 10 -13.15 -7.66 11.54
C ALA A 10 -12.70 -8.54 10.38
N PHE A 11 -11.41 -8.88 10.33
CA PHE A 11 -10.91 -9.62 9.17
C PHE A 11 -11.65 -10.95 9.00
N LEU A 12 -11.85 -11.68 10.11
CA LEU A 12 -12.47 -13.00 10.01
C LEU A 12 -13.97 -12.88 9.75
N SER A 13 -14.62 -11.89 10.36
CA SER A 13 -16.03 -11.66 10.10
C SER A 13 -16.26 -11.30 8.64
N LYS A 14 -15.42 -10.40 8.11
CA LYS A 14 -15.56 -10.02 6.70
C LYS A 14 -15.21 -11.18 5.78
N LEU A 15 -14.14 -11.93 6.09
CA LEU A 15 -13.78 -13.09 5.28
C LEU A 15 -14.92 -14.10 5.23
N TRP A 16 -15.53 -14.38 6.38
CA TRP A 16 -16.65 -15.33 6.38
C TRP A 16 -17.77 -14.85 5.48
N THR A 17 -18.15 -13.57 5.61
CA THR A 17 -19.21 -13.04 4.76
C THR A 17 -18.83 -13.08 3.29
N LEU A 18 -17.59 -12.71 2.95
CA LEU A 18 -17.17 -12.74 1.56
C LEU A 18 -17.28 -14.15 0.99
N VAL A 19 -16.83 -15.15 1.74
CA VAL A 19 -16.88 -16.51 1.21
C VAL A 19 -18.31 -17.00 1.16
N GLU A 20 -19.08 -16.75 2.23
CA GLU A 20 -20.40 -17.36 2.36
C GLU A 20 -21.45 -16.70 1.47
N GLU A 21 -21.37 -15.40 1.22
CA GLU A 21 -22.45 -14.73 0.51
C GLU A 21 -22.43 -15.05 -0.97
N THR A 22 -23.62 -15.28 -1.53
CA THR A 22 -23.68 -15.80 -2.89
C THR A 22 -23.32 -14.75 -3.92
N HIS A 23 -23.63 -13.48 -3.68
CA HIS A 23 -23.40 -12.49 -4.72
C HIS A 23 -21.90 -12.22 -4.94
N THR A 24 -21.04 -12.60 -4.00
CA THR A 24 -19.60 -12.52 -4.16
C THR A 24 -18.98 -13.81 -4.67
N ASN A 25 -19.77 -14.88 -4.87
CA ASN A 25 -19.20 -16.15 -5.30
C ASN A 25 -18.54 -16.07 -6.66
N GLU A 26 -18.87 -15.05 -7.46
CA GLU A 26 -18.14 -14.76 -8.68
C GLU A 26 -16.67 -14.49 -8.42
N PHE A 27 -16.32 -14.06 -7.21
CA PHE A 27 -14.96 -13.69 -6.88
C PHE A 27 -14.33 -14.61 -5.85
N ILE A 28 -15.12 -15.07 -4.89
CA ILE A 28 -14.57 -15.78 -3.74
C ILE A 28 -15.67 -16.67 -3.19
N THR A 29 -15.33 -17.93 -2.95
CA THR A 29 -16.37 -18.92 -2.67
C THR A 29 -15.76 -20.11 -1.95
N TRP A 30 -16.62 -20.90 -1.28
CA TRP A 30 -16.17 -22.15 -0.71
C TRP A 30 -15.72 -23.10 -1.80
N SER A 31 -14.67 -23.87 -1.53
CA SER A 31 -14.37 -25.02 -2.36
C SER A 31 -15.51 -26.04 -2.24
N GLN A 32 -15.49 -27.03 -3.14
CA GLN A 32 -16.63 -27.93 -3.30
C GLN A 32 -16.94 -28.69 -2.01
N ASN A 33 -15.90 -29.09 -1.28
CA ASN A 33 -16.06 -29.87 -0.07
C ASN A 33 -16.15 -29.02 1.19
N GLY A 34 -16.14 -27.69 1.05
CA GLY A 34 -16.26 -26.83 2.21
C GLY A 34 -15.05 -26.79 3.10
N GLN A 35 -13.92 -27.37 2.67
CA GLN A 35 -12.72 -27.48 3.49
C GLN A 35 -11.74 -26.33 3.29
N SER A 36 -12.02 -25.42 2.37
CA SER A 36 -11.11 -24.32 2.04
C SER A 36 -11.93 -23.34 1.23
N PHE A 37 -11.32 -22.21 0.89
CA PHE A 37 -11.98 -21.26 0.01
C PHE A 37 -11.07 -20.91 -1.16
N LEU A 38 -11.71 -20.45 -2.23
CA LEU A 38 -11.06 -20.12 -3.48
C LEU A 38 -11.26 -18.65 -3.77
N VAL A 39 -10.20 -17.97 -4.16
CA VAL A 39 -10.31 -16.69 -4.86
C VAL A 39 -10.21 -17.00 -6.33
N LEU A 40 -11.30 -16.78 -7.06
CA LEU A 40 -11.41 -17.32 -8.40
C LEU A 40 -10.64 -16.50 -9.42
N ASP A 41 -10.48 -15.20 -9.17
CA ASP A 41 -9.87 -14.30 -10.13
C ASP A 41 -9.19 -13.23 -9.28
N GLU A 42 -7.92 -13.45 -8.99
CA GLU A 42 -7.21 -12.60 -8.05
C GLU A 42 -7.25 -11.13 -8.45
N GLN A 43 -7.17 -10.86 -9.76
CA GLN A 43 -7.15 -9.47 -10.22
C GLN A 43 -8.51 -8.80 -10.04
N ARG A 44 -9.59 -9.46 -10.46
CA ARG A 44 -10.91 -8.88 -10.26
C ARG A 44 -11.24 -8.76 -8.77
N PHE A 45 -10.85 -9.76 -7.99
CA PHE A 45 -11.13 -9.74 -6.56
C PHE A 45 -10.44 -8.56 -5.88
N ALA A 46 -9.17 -8.35 -6.19
CA ALA A 46 -8.46 -7.27 -5.51
C ALA A 46 -8.96 -5.90 -5.94
N LYS A 47 -9.31 -5.73 -7.22
CA LYS A 47 -9.72 -4.42 -7.72
C LYS A 47 -11.18 -4.14 -7.40
N GLU A 48 -12.06 -5.13 -7.49
CA GLU A 48 -13.49 -4.87 -7.36
C GLU A 48 -14.08 -5.21 -5.99
N ILE A 49 -13.47 -6.09 -5.21
CA ILE A 49 -14.06 -6.56 -3.96
C ILE A 49 -13.32 -6.02 -2.75
N LEU A 50 -12.00 -6.18 -2.70
CA LEU A 50 -11.25 -5.78 -1.51
C LEU A 50 -11.57 -4.36 -1.03
N PRO A 51 -11.56 -3.33 -1.89
CA PRO A 51 -11.78 -1.97 -1.35
C PRO A 51 -13.21 -1.69 -0.92
N LYS A 52 -14.16 -2.56 -1.25
CA LYS A 52 -15.51 -2.47 -0.70
C LYS A 52 -15.57 -2.95 0.74
N TYR A 53 -14.64 -3.80 1.17
CA TYR A 53 -14.65 -4.35 2.51
C TYR A 53 -13.47 -3.92 3.36
N PHE A 54 -12.37 -3.47 2.76
CA PHE A 54 -11.18 -3.11 3.49
C PHE A 54 -10.70 -1.76 2.99
N LYS A 55 -9.67 -1.22 3.64
CA LYS A 55 -9.10 0.06 3.25
C LYS A 55 -7.96 -0.09 2.26
N HIS A 56 -7.99 -1.11 1.40
CA HIS A 56 -6.93 -1.31 0.43
C HIS A 56 -7.49 -2.14 -0.72
N ASN A 57 -6.73 -2.22 -1.81
CA ASN A 57 -7.07 -3.08 -2.93
C ASN A 57 -5.89 -3.96 -3.32
N ASN A 58 -5.12 -4.43 -2.33
CA ASN A 58 -3.88 -5.16 -2.55
C ASN A 58 -4.04 -6.61 -2.14
N MET A 59 -3.94 -7.52 -3.11
CA MET A 59 -3.98 -8.94 -2.77
C MET A 59 -2.94 -9.29 -1.73
N ALA A 60 -1.78 -8.61 -1.77
CA ALA A 60 -0.71 -8.96 -0.86
C ALA A 60 -1.10 -8.68 0.58
N SER A 61 -1.92 -7.64 0.80
CA SER A 61 -2.31 -7.28 2.16
C SER A 61 -3.43 -8.18 2.65
N PHE A 62 -4.29 -8.65 1.73
CA PHE A 62 -5.26 -9.68 2.06
C PHE A 62 -4.53 -10.99 2.42
N VAL A 63 -3.54 -11.38 1.63
CA VAL A 63 -2.78 -12.59 1.90
C VAL A 63 -1.96 -12.45 3.19
N ARG A 64 -1.42 -11.26 3.46
CA ARG A 64 -0.71 -11.07 4.73
C ARG A 64 -1.63 -11.38 5.90
N GLN A 65 -2.87 -10.89 5.83
CA GLN A 65 -3.84 -11.17 6.89
C GLN A 65 -4.17 -12.66 6.96
N LEU A 66 -4.40 -13.30 5.82
CA LEU A 66 -4.65 -14.74 5.84
C LEU A 66 -3.54 -15.48 6.60
N ASN A 67 -2.28 -15.21 6.25
CA ASN A 67 -1.20 -15.90 6.93
C ASN A 67 -1.13 -15.52 8.40
N MET A 68 -1.39 -14.24 8.72
CA MET A 68 -1.33 -13.80 10.11
C MET A 68 -2.36 -14.51 10.97
N TYR A 69 -3.48 -14.94 10.37
CA TYR A 69 -4.48 -15.68 11.11
C TYR A 69 -4.33 -17.18 10.93
N GLY A 70 -3.23 -17.63 10.33
CA GLY A 70 -2.91 -19.04 10.31
C GLY A 70 -3.38 -19.79 9.09
N PHE A 71 -4.00 -19.11 8.13
CA PHE A 71 -4.33 -19.74 6.87
C PHE A 71 -3.06 -20.09 6.11
N ARG A 72 -3.13 -21.17 5.34
CA ARG A 72 -2.06 -21.62 4.47
C ARG A 72 -2.58 -21.76 3.05
N LYS A 73 -1.76 -21.34 2.09
CA LYS A 73 -2.12 -21.57 0.69
C LYS A 73 -2.08 -23.06 0.39
N VAL A 74 -3.08 -23.53 -0.34
CA VAL A 74 -3.13 -24.92 -0.76
C VAL A 74 -2.38 -25.00 -2.09
N VAL A 75 -1.27 -25.74 -2.09
CA VAL A 75 -0.40 -25.85 -3.26
C VAL A 75 -0.73 -27.12 -4.05
N ASP A 87 -2.28 -19.12 -14.28
CA ASP A 87 -3.53 -18.40 -14.00
C ASP A 87 -4.65 -19.37 -13.62
N GLY A 88 -5.43 -18.99 -12.61
CA GLY A 88 -6.46 -19.85 -12.07
C GLY A 88 -6.74 -19.50 -10.62
N PRO A 89 -7.65 -20.24 -9.98
CA PRO A 89 -8.01 -19.90 -8.60
C PRO A 89 -6.87 -20.13 -7.63
N VAL A 90 -6.84 -19.31 -6.60
CA VAL A 90 -5.91 -19.52 -5.49
C VAL A 90 -6.74 -20.02 -4.32
N GLU A 91 -6.18 -20.94 -3.55
CA GLU A 91 -6.95 -21.68 -2.56
C GLU A 91 -6.24 -21.57 -1.23
N PHE A 92 -7.00 -21.30 -0.17
CA PHE A 92 -6.49 -21.12 1.18
C PHE A 92 -7.30 -21.93 2.17
N GLN A 93 -6.63 -22.42 3.21
CA GLN A 93 -7.21 -23.37 4.15
C GLN A 93 -6.81 -23.01 5.57
N HIS A 94 -7.73 -23.23 6.52
CA HIS A 94 -7.47 -23.12 7.97
C HIS A 94 -8.27 -24.23 8.62
N PRO A 95 -7.72 -24.96 9.58
CA PRO A 95 -8.52 -26.04 10.19
C PRO A 95 -9.84 -25.56 10.76
N TYR A 96 -9.93 -24.29 11.18
CA TYR A 96 -11.12 -23.78 11.83
C TYR A 96 -11.92 -22.81 10.96
N PHE A 97 -11.65 -22.77 9.65
CA PHE A 97 -12.46 -22.00 8.71
C PHE A 97 -13.15 -22.98 7.79
N LYS A 98 -14.39 -23.33 8.09
CA LYS A 98 -15.05 -24.43 7.42
C LYS A 98 -16.52 -24.13 7.17
N GLN A 99 -16.98 -24.49 5.99
CA GLN A 99 -18.37 -24.27 5.62
C GLN A 99 -19.29 -24.98 6.61
N GLY A 100 -20.33 -24.25 7.05
CA GLY A 100 -21.28 -24.81 7.99
C GLY A 100 -20.84 -24.82 9.43
N GLN A 101 -19.66 -24.30 9.74
CA GLN A 101 -19.09 -24.39 11.08
C GLN A 101 -18.63 -23.01 11.55
N ASP A 102 -19.55 -22.04 11.55
CA ASP A 102 -19.18 -20.69 11.93
C ASP A 102 -18.88 -20.56 13.42
N ASP A 103 -19.28 -21.55 14.23
CA ASP A 103 -18.91 -21.52 15.64
C ASP A 103 -17.42 -21.75 15.85
N LEU A 104 -16.69 -22.19 14.82
CA LEU A 104 -15.26 -22.39 14.93
C LEU A 104 -14.44 -21.12 14.70
N LEU A 105 -15.05 -20.06 14.16
CA LEU A 105 -14.30 -18.85 13.82
C LEU A 105 -13.55 -18.31 15.03
N GLU A 106 -14.17 -18.37 16.21
CA GLU A 106 -13.53 -17.80 17.38
C GLU A 106 -12.33 -18.61 17.84
N ASN A 107 -12.06 -19.77 17.24
CA ASN A 107 -10.84 -20.49 17.54
C ASN A 107 -9.66 -20.06 16.66
N ILE A 108 -9.91 -19.25 15.63
CA ILE A 108 -8.84 -18.73 14.79
C ILE A 108 -8.14 -17.63 15.56
N LYS A 109 -6.80 -17.69 15.63
CA LYS A 109 -6.04 -16.75 16.41
C LYS A 109 -5.13 -15.90 15.53
N ARG A 110 -5.00 -14.65 15.90
CA ARG A 110 -4.04 -13.77 15.25
C ARG A 110 -2.65 -14.05 15.80
N LYS A 111 -1.70 -14.34 14.90
CA LYS A 111 -0.34 -14.57 15.34
C LYS A 111 0.31 -13.27 15.81
N VAL A 112 1.19 -13.40 16.80
CA VAL A 112 1.96 -12.26 17.29
C VAL A 112 3.44 -12.58 17.13
N SER A 113 4.15 -11.68 16.47
CA SER A 113 5.59 -11.85 16.25
C SER A 113 6.37 -11.46 17.50
N VAL B 8 26.55 -8.23 -14.62
CA VAL B 8 25.19 -7.79 -14.28
C VAL B 8 24.18 -8.91 -14.51
N PRO B 9 23.57 -9.41 -13.44
CA PRO B 9 22.62 -10.52 -13.57
C PRO B 9 21.43 -10.13 -14.44
N ALA B 10 20.75 -11.17 -14.92
CA ALA B 10 19.67 -10.94 -15.88
C ALA B 10 18.59 -10.03 -15.31
N PHE B 11 18.31 -10.14 -14.01
CA PHE B 11 17.23 -9.32 -13.48
C PHE B 11 17.48 -7.84 -13.73
N LEU B 12 18.71 -7.39 -13.54
CA LEU B 12 19.00 -5.96 -13.63
C LEU B 12 19.03 -5.48 -15.07
N SER B 13 19.60 -6.28 -15.98
CA SER B 13 19.63 -5.83 -17.38
C SER B 13 18.23 -5.83 -17.96
N LYS B 14 17.40 -6.80 -17.57
CA LYS B 14 16.02 -6.81 -18.01
C LYS B 14 15.23 -5.66 -17.42
N LEU B 15 15.45 -5.37 -16.13
CA LEU B 15 14.79 -4.21 -15.52
C LEU B 15 15.21 -2.92 -16.22
N TRP B 16 16.51 -2.76 -16.49
CA TRP B 16 16.97 -1.56 -17.21
C TRP B 16 16.27 -1.42 -18.55
N THR B 17 16.25 -2.49 -19.34
CA THR B 17 15.60 -2.42 -20.64
C THR B 17 14.12 -2.11 -20.50
N LEU B 18 13.46 -2.71 -19.50
CA LEU B 18 12.03 -2.47 -19.30
C LEU B 18 11.74 -0.99 -19.05
N VAL B 19 12.51 -0.39 -18.16
CA VAL B 19 12.28 1.01 -17.80
C VAL B 19 12.61 1.91 -18.96
N GLU B 20 13.77 1.67 -19.60
CA GLU B 20 14.30 2.60 -20.58
C GLU B 20 13.48 2.61 -21.88
N GLU B 21 13.03 1.44 -22.32
CA GLU B 21 12.33 1.33 -23.61
C GLU B 21 11.07 2.20 -23.61
N THR B 22 10.92 3.02 -24.66
CA THR B 22 9.76 3.90 -24.74
C THR B 22 8.47 3.10 -24.93
N HIS B 23 8.53 1.98 -25.65
CA HIS B 23 7.30 1.29 -26.01
C HIS B 23 6.66 0.56 -24.83
N THR B 24 7.36 0.42 -23.70
CA THR B 24 6.75 -0.13 -22.49
C THR B 24 6.23 0.95 -21.54
N ASN B 25 6.31 2.23 -21.92
CA ASN B 25 6.13 3.31 -20.95
C ASN B 25 4.71 3.41 -20.40
N GLU B 26 3.70 2.85 -21.09
CA GLU B 26 2.39 2.79 -20.46
C GLU B 26 2.43 1.97 -19.19
N PHE B 27 3.37 1.01 -19.10
CA PHE B 27 3.42 0.11 -17.96
C PHE B 27 4.55 0.40 -17.00
N ILE B 28 5.74 0.69 -17.50
CA ILE B 28 6.93 0.86 -16.66
C ILE B 28 7.87 1.87 -17.33
N THR B 29 8.25 2.91 -16.58
CA THR B 29 8.89 4.09 -17.15
C THR B 29 9.76 4.75 -16.10
N TRP B 30 10.76 5.51 -16.55
CA TRP B 30 11.48 6.37 -15.63
C TRP B 30 10.53 7.38 -15.01
N SER B 31 10.78 7.73 -13.75
CA SER B 31 10.04 8.85 -13.18
C SER B 31 10.55 10.15 -13.79
N GLN B 32 9.81 11.23 -13.56
CA GLN B 32 10.14 12.49 -14.21
C GLN B 32 11.48 13.07 -13.77
N ASN B 33 12.02 12.64 -12.63
CA ASN B 33 13.35 13.12 -12.28
C ASN B 33 14.43 12.12 -12.64
N GLY B 34 14.07 10.96 -13.16
CA GLY B 34 15.06 10.00 -13.58
C GLY B 34 15.80 9.29 -12.46
N GLN B 35 15.38 9.49 -11.21
CA GLN B 35 16.06 8.89 -10.06
C GLN B 35 15.34 7.67 -9.53
N SER B 36 14.23 7.28 -10.17
CA SER B 36 13.41 6.18 -9.72
C SER B 36 12.65 5.74 -10.96
N PHE B 37 12.01 4.58 -10.87
CA PHE B 37 11.13 4.15 -11.94
C PHE B 37 9.73 3.91 -11.39
N LEU B 38 8.76 3.94 -12.30
CA LEU B 38 7.36 3.81 -11.97
C LEU B 38 6.78 2.59 -12.67
N VAL B 39 5.94 1.85 -11.96
CA VAL B 39 5.05 0.91 -12.63
C VAL B 39 3.67 1.55 -12.61
N LEU B 40 3.11 1.82 -13.78
CA LEU B 40 1.93 2.68 -13.86
C LEU B 40 0.63 1.91 -13.79
N ASP B 41 0.62 0.68 -14.28
CA ASP B 41 -0.58 -0.16 -14.27
C ASP B 41 -0.07 -1.52 -13.81
N GLU B 42 -0.17 -1.76 -12.51
CA GLU B 42 0.43 -2.96 -11.94
C GLU B 42 -0.18 -4.24 -12.52
N GLN B 43 -1.50 -4.25 -12.72
CA GLN B 43 -2.14 -5.49 -13.16
C GLN B 43 -1.75 -5.83 -14.59
N ARG B 44 -1.81 -4.86 -15.50
CA ARG B 44 -1.43 -5.14 -16.87
C ARG B 44 0.07 -5.40 -16.99
N PHE B 45 0.89 -4.66 -16.23
CA PHE B 45 2.31 -4.95 -16.21
C PHE B 45 2.57 -6.40 -15.84
N ALA B 46 1.92 -6.88 -14.79
CA ALA B 46 2.23 -8.22 -14.30
C ALA B 46 1.74 -9.27 -15.27
N LYS B 47 0.56 -9.05 -15.87
CA LYS B 47 0.00 -10.10 -16.70
C LYS B 47 0.49 -10.05 -18.13
N GLU B 48 0.83 -8.87 -18.63
CA GLU B 48 1.21 -8.76 -20.03
C GLU B 48 2.70 -8.54 -20.27
N ILE B 49 3.43 -8.04 -19.29
CA ILE B 49 4.84 -7.72 -19.47
C ILE B 49 5.74 -8.73 -18.74
N LEU B 50 5.51 -8.93 -17.45
CA LEU B 50 6.37 -9.82 -16.67
C LEU B 50 6.62 -11.16 -17.32
N PRO B 51 5.61 -11.91 -17.81
CA PRO B 51 5.93 -13.25 -18.33
C PRO B 51 6.69 -13.24 -19.65
N LYS B 52 6.81 -12.09 -20.32
CA LYS B 52 7.66 -12.01 -21.51
C LYS B 52 9.13 -11.91 -21.16
N TYR B 53 9.45 -11.44 -19.94
CA TYR B 53 10.82 -11.26 -19.51
C TYR B 53 11.26 -12.24 -18.44
N PHE B 54 10.32 -12.79 -17.65
CA PHE B 54 10.64 -13.67 -16.54
C PHE B 54 9.79 -14.93 -16.64
N LYS B 55 10.03 -15.87 -15.72
CA LYS B 55 9.29 -17.13 -15.69
C LYS B 55 8.05 -17.07 -14.78
N HIS B 56 7.37 -15.92 -14.72
CA HIS B 56 6.22 -15.76 -13.84
C HIS B 56 5.45 -14.53 -14.29
N ASN B 57 4.25 -14.37 -13.74
CA ASN B 57 3.45 -13.20 -14.02
C ASN B 57 2.94 -12.59 -12.72
N ASN B 58 3.80 -12.55 -11.69
CA ASN B 58 3.41 -12.15 -10.34
C ASN B 58 4.16 -10.91 -9.94
N MET B 59 3.43 -9.81 -9.72
CA MET B 59 4.06 -8.60 -9.20
C MET B 59 4.86 -8.90 -7.93
N ALA B 60 4.34 -9.79 -7.07
CA ALA B 60 5.02 -10.03 -5.81
C ALA B 60 6.40 -10.64 -6.01
N SER B 61 6.59 -11.46 -7.05
CA SER B 61 7.90 -12.07 -7.33
C SER B 61 8.87 -11.06 -7.95
N PHE B 62 8.34 -10.12 -8.71
CA PHE B 62 9.11 -8.97 -9.17
C PHE B 62 9.55 -8.11 -7.99
N VAL B 63 8.62 -7.82 -7.09
CA VAL B 63 8.91 -6.98 -5.92
C VAL B 63 9.94 -7.66 -5.03
N ARG B 64 9.80 -8.97 -4.80
CA ARG B 64 10.79 -9.65 -3.98
C ARG B 64 12.19 -9.47 -4.54
N GLN B 65 12.31 -9.53 -5.88
CA GLN B 65 13.60 -9.34 -6.52
C GLN B 65 14.08 -7.90 -6.38
N LEU B 66 13.18 -6.92 -6.56
CA LEU B 66 13.58 -5.53 -6.33
C LEU B 66 14.23 -5.37 -4.94
N ASN B 67 13.59 -5.91 -3.91
CA ASN B 67 14.17 -5.78 -2.57
C ASN B 67 15.47 -6.61 -2.43
N MET B 68 15.54 -7.78 -3.06
CA MET B 68 16.80 -8.54 -3.04
C MET B 68 17.96 -7.76 -3.64
N TYR B 69 17.68 -6.89 -4.60
CA TYR B 69 18.73 -6.09 -5.21
C TYR B 69 18.88 -4.72 -4.56
N GLY B 70 18.23 -4.47 -3.41
CA GLY B 70 18.44 -3.24 -2.68
C GLY B 70 17.53 -2.09 -3.05
N PHE B 71 16.59 -2.28 -3.98
CA PHE B 71 15.62 -1.24 -4.28
C PHE B 71 14.68 -1.01 -3.10
N ARG B 72 14.25 0.24 -2.94
CA ARG B 72 13.31 0.60 -1.89
C ARG B 72 12.11 1.29 -2.53
N LYS B 73 10.93 1.06 -1.94
CA LYS B 73 9.71 1.67 -2.44
C LYS B 73 9.64 3.14 -2.03
N VAL B 74 9.19 3.95 -2.93
CA VAL B 74 9.01 5.37 -2.67
C VAL B 74 7.57 5.61 -2.23
N VAL B 75 7.38 6.41 -1.19
CA VAL B 75 6.03 6.75 -0.74
C VAL B 75 5.31 7.49 -1.86
N HIS B 76 4.09 7.03 -2.18
CA HIS B 76 3.24 7.77 -3.12
C HIS B 76 2.36 8.72 -2.32
N ILE B 77 2.56 10.02 -2.52
CA ILE B 77 1.93 11.00 -1.63
C ILE B 77 0.42 10.97 -1.79
N ASP B 78 -0.06 11.06 -3.03
CA ASP B 78 -1.51 11.18 -3.27
C ASP B 78 -2.12 9.79 -3.45
N SER B 79 -2.19 9.07 -2.34
CA SER B 79 -2.80 7.74 -2.30
C SER B 79 -3.60 7.65 -1.01
N GLY B 80 -4.92 7.81 -1.12
CA GLY B 80 -5.81 7.65 0.00
C GLY B 80 -6.83 6.57 -0.25
N ILE B 81 -8.11 6.87 0.00
CA ILE B 81 -9.27 6.03 -0.32
C ILE B 81 -8.97 4.55 -0.62
N ARG B 86 -7.89 1.56 -12.51
CA ARG B 86 -7.55 2.90 -12.06
C ARG B 86 -6.68 2.86 -10.81
N ASP B 87 -5.84 1.83 -10.70
CA ASP B 87 -4.87 1.82 -9.61
C ASP B 87 -3.76 2.83 -9.90
N GLY B 88 -3.15 3.33 -8.82
CA GLY B 88 -2.11 4.34 -8.93
C GLY B 88 -0.76 3.74 -9.24
N PRO B 89 0.26 4.57 -9.42
CA PRO B 89 1.59 4.06 -9.72
C PRO B 89 2.27 3.51 -8.48
N VAL B 90 3.22 2.60 -8.70
CA VAL B 90 4.16 2.20 -7.66
C VAL B 90 5.54 2.63 -8.13
N GLU B 91 6.36 3.11 -7.21
CA GLU B 91 7.63 3.74 -7.55
C GLU B 91 8.72 3.08 -6.73
N PHE B 92 9.84 2.72 -7.35
CA PHE B 92 10.97 2.12 -6.65
C PHE B 92 12.24 2.88 -7.01
N GLN B 93 13.21 2.87 -6.09
CA GLN B 93 14.46 3.58 -6.34
C GLN B 93 15.65 2.80 -5.83
N HIS B 94 16.78 3.01 -6.48
CA HIS B 94 18.07 2.48 -6.06
C HIS B 94 19.08 3.57 -6.37
N PRO B 95 20.00 3.86 -5.45
CA PRO B 95 21.05 4.87 -5.74
C PRO B 95 21.80 4.61 -7.03
N TYR B 96 21.91 3.36 -7.46
CA TYR B 96 22.69 3.02 -8.64
C TYR B 96 21.82 2.65 -9.84
N PHE B 97 20.54 2.98 -9.82
CA PHE B 97 19.64 2.76 -10.96
C PHE B 97 19.11 4.12 -11.35
N LYS B 98 19.76 4.74 -12.34
CA LYS B 98 19.53 6.14 -12.68
C LYS B 98 19.53 6.33 -14.19
N GLN B 99 18.55 7.09 -14.68
CA GLN B 99 18.45 7.38 -16.11
C GLN B 99 19.72 8.04 -16.61
N GLY B 100 20.22 7.56 -17.75
CA GLY B 100 21.44 8.04 -18.36
C GLY B 100 22.73 7.61 -17.70
N GLN B 101 22.67 6.76 -16.68
CA GLN B 101 23.86 6.34 -15.94
C GLN B 101 23.91 4.82 -15.83
N ASP B 102 23.81 4.13 -16.96
CA ASP B 102 23.80 2.67 -16.89
C ASP B 102 25.14 2.10 -16.46
N ASP B 103 26.20 2.91 -16.48
CA ASP B 103 27.48 2.49 -15.94
C ASP B 103 27.39 2.14 -14.45
N LEU B 104 26.38 2.64 -13.74
CA LEU B 104 26.28 2.37 -12.31
C LEU B 104 25.71 0.99 -12.00
N LEU B 105 25.08 0.33 -12.98
CA LEU B 105 24.40 -0.93 -12.73
C LEU B 105 25.33 -2.00 -12.17
N GLU B 106 26.60 -1.99 -12.57
CA GLU B 106 27.53 -3.02 -12.10
C GLU B 106 27.74 -2.94 -10.59
N ASN B 107 27.39 -1.83 -9.95
CA ASN B 107 27.53 -1.69 -8.51
C ASN B 107 26.38 -2.30 -7.72
N ILE B 108 25.38 -2.85 -8.39
CA ILE B 108 24.20 -3.38 -7.70
C ILE B 108 24.42 -4.87 -7.48
N LYS B 109 24.65 -5.27 -6.24
CA LYS B 109 24.95 -6.65 -5.90
C LYS B 109 23.77 -7.24 -5.16
N ARG B 110 23.25 -8.36 -5.67
CA ARG B 110 22.12 -9.03 -5.02
C ARG B 110 22.48 -9.52 -3.63
N LYS B 111 21.55 -9.36 -2.69
CA LYS B 111 21.73 -9.98 -1.39
C LYS B 111 21.87 -11.48 -1.58
N VAL B 112 22.62 -12.14 -0.70
CA VAL B 112 22.74 -13.59 -0.78
C VAL B 112 22.02 -14.18 0.42
N SER B 113 21.18 -15.18 0.17
CA SER B 113 20.37 -15.78 1.20
C SER B 113 21.26 -16.59 2.13
N VAL C 8 11.86 8.90 6.00
CA VAL C 8 10.74 9.64 6.55
C VAL C 8 9.43 8.86 6.32
N PRO C 9 8.68 8.59 7.40
CA PRO C 9 7.44 7.82 7.25
C PRO C 9 6.39 8.60 6.47
N ALA C 10 5.42 7.84 5.93
CA ALA C 10 4.43 8.41 5.02
C ALA C 10 3.66 9.56 5.67
N PHE C 11 3.29 9.44 6.94
CA PHE C 11 2.49 10.50 7.57
C PHE C 11 3.19 11.84 7.47
N LEU C 12 4.50 11.87 7.75
CA LEU C 12 5.20 13.14 7.77
C LEU C 12 5.38 13.69 6.36
N SER C 13 5.71 12.85 5.40
CA SER C 13 5.93 13.40 4.06
C SER C 13 4.62 13.86 3.43
N LYS C 14 3.52 13.14 3.69
CA LYS C 14 2.19 13.58 3.24
C LYS C 14 1.77 14.87 3.94
N LEU C 15 2.00 14.95 5.25
CA LEU C 15 1.66 16.16 5.98
C LEU C 15 2.44 17.35 5.45
N TRP C 16 3.74 17.16 5.21
CA TRP C 16 4.54 18.23 4.61
C TRP C 16 3.96 18.65 3.27
N THR C 17 3.59 17.69 2.42
CA THR C 17 3.00 18.03 1.13
C THR C 17 1.69 18.81 1.30
N LEU C 18 0.81 18.31 2.18
CA LEU C 18 -0.46 18.96 2.42
C LEU C 18 -0.27 20.43 2.80
N VAL C 19 0.54 20.67 3.83
CA VAL C 19 0.71 22.04 4.29
C VAL C 19 1.38 22.88 3.21
N GLU C 20 2.41 22.32 2.56
CA GLU C 20 3.21 23.12 1.63
C GLU C 20 2.43 23.48 0.36
N GLU C 21 1.70 22.52 -0.20
CA GLU C 21 1.01 22.74 -1.47
C GLU C 21 0.01 23.89 -1.33
N THR C 22 0.02 24.79 -2.32
CA THR C 22 -0.90 25.91 -2.28
C THR C 22 -2.32 25.50 -2.63
N HIS C 23 -2.49 24.45 -3.45
CA HIS C 23 -3.83 24.07 -3.87
C HIS C 23 -4.65 23.45 -2.74
N THR C 24 -4.06 23.21 -1.57
CA THR C 24 -4.81 22.85 -0.38
C THR C 24 -4.92 23.99 0.62
N ASN C 25 -4.38 25.17 0.30
CA ASN C 25 -4.25 26.23 1.30
C ASN C 25 -5.60 26.76 1.78
N GLU C 26 -6.69 26.46 1.08
CA GLU C 26 -8.01 26.83 1.56
C GLU C 26 -8.39 26.09 2.85
N PHE C 27 -7.80 24.92 3.10
CA PHE C 27 -8.12 24.16 4.31
C PHE C 27 -6.93 23.92 5.23
N ILE C 28 -5.71 23.89 4.71
CA ILE C 28 -4.54 23.64 5.56
C ILE C 28 -3.34 24.38 4.98
N THR C 29 -2.62 25.10 5.84
CA THR C 29 -1.60 26.04 5.34
C THR C 29 -0.57 26.31 6.44
N TRP C 30 0.63 26.73 6.02
CA TRP C 30 1.59 27.22 7.00
C TRP C 30 1.03 28.44 7.72
N SER C 31 1.42 28.59 8.98
CA SER C 31 1.23 29.85 9.67
C SER C 31 2.08 30.93 9.01
N GLN C 32 1.76 32.19 9.33
CA GLN C 32 2.42 33.31 8.67
C GLN C 32 3.93 33.22 8.80
N ASN C 33 4.44 32.87 9.98
CA ASN C 33 5.88 32.80 10.17
C ASN C 33 6.47 31.43 9.88
N GLY C 34 5.66 30.46 9.42
CA GLY C 34 6.19 29.20 8.98
C GLY C 34 6.58 28.23 10.08
N GLN C 35 6.25 28.52 11.33
CA GLN C 35 6.69 27.69 12.45
C GLN C 35 5.62 26.69 12.91
N SER C 36 4.40 26.80 12.38
CA SER C 36 3.30 25.90 12.71
C SER C 36 2.42 25.81 11.47
N PHE C 37 1.39 24.98 11.55
CA PHE C 37 0.43 24.91 10.46
C PHE C 37 -0.98 25.04 11.02
N LEU C 38 -1.89 25.51 10.17
CA LEU C 38 -3.27 25.75 10.53
C LEU C 38 -4.19 24.86 9.73
N VAL C 39 -5.20 24.30 10.39
CA VAL C 39 -6.34 23.72 9.68
C VAL C 39 -7.45 24.77 9.74
N LEU C 40 -7.82 25.29 8.58
CA LEU C 40 -8.71 26.45 8.52
C LEU C 40 -10.17 26.03 8.60
N ASP C 41 -10.47 24.77 8.29
CA ASP C 41 -11.85 24.29 8.28
C ASP C 41 -11.74 22.79 8.55
N GLU C 42 -11.91 22.41 9.81
CA GLU C 42 -11.72 21.02 10.20
C GLU C 42 -12.65 20.10 9.44
N GLN C 43 -13.93 20.48 9.36
CA GLN C 43 -14.92 19.57 8.78
C GLN C 43 -14.63 19.32 7.30
N ARG C 44 -14.36 20.38 6.55
CA ARG C 44 -14.07 20.19 5.14
C ARG C 44 -12.71 19.53 4.94
N PHE C 45 -11.72 19.90 5.76
CA PHE C 45 -10.43 19.22 5.71
C PHE C 45 -10.60 17.72 5.88
N ALA C 46 -11.37 17.30 6.90
CA ALA C 46 -11.50 15.86 7.15
C ALA C 46 -12.30 15.17 6.06
N LYS C 47 -13.38 15.81 5.56
CA LYS C 47 -14.24 15.15 4.60
C LYS C 47 -13.66 15.14 3.19
N GLU C 48 -12.89 16.17 2.83
CA GLU C 48 -12.46 16.34 1.45
C GLU C 48 -10.98 16.15 1.23
N ILE C 49 -10.15 16.44 2.23
CA ILE C 49 -8.70 16.39 2.04
C ILE C 49 -8.11 15.13 2.63
N LEU C 50 -8.48 14.77 3.87
CA LEU C 50 -7.91 13.58 4.48
C LEU C 50 -8.02 12.33 3.61
N PRO C 51 -9.17 11.99 3.00
CA PRO C 51 -9.23 10.74 2.23
C PRO C 51 -8.45 10.80 0.92
N LYS C 52 -7.99 11.97 0.51
CA LYS C 52 -7.14 12.04 -0.68
C LYS C 52 -5.74 11.53 -0.40
N TYR C 53 -5.30 11.60 0.87
CA TYR C 53 -3.94 11.27 1.27
C TYR C 53 -3.86 10.12 2.27
N PHE C 54 -4.94 9.81 2.97
CA PHE C 54 -4.94 8.76 3.99
C PHE C 54 -6.13 7.84 3.76
N LYS C 55 -6.18 6.75 4.52
CA LYS C 55 -7.22 5.74 4.34
C LYS C 55 -8.44 6.00 5.24
N HIS C 56 -8.82 7.25 5.44
CA HIS C 56 -9.90 7.60 6.36
C HIS C 56 -10.30 9.05 6.06
N ASN C 57 -11.42 9.47 6.64
CA ASN C 57 -11.87 10.86 6.59
C ASN C 57 -12.18 11.37 7.99
N ASN C 58 -11.34 10.99 8.93
CA ASN C 58 -11.62 11.06 10.36
C ASN C 58 -10.64 12.03 11.00
N MET C 59 -11.12 13.21 11.40
CA MET C 59 -10.22 14.17 12.03
C MET C 59 -9.56 13.55 13.26
N ALA C 60 -10.28 12.67 13.98
CA ALA C 60 -9.68 12.09 15.18
C ALA C 60 -8.50 11.18 14.85
N SER C 61 -8.51 10.54 13.69
CA SER C 61 -7.41 9.64 13.36
C SER C 61 -6.21 10.43 12.88
N PHE C 62 -6.45 11.60 12.28
CA PHE C 62 -5.38 12.54 11.97
C PHE C 62 -4.76 13.08 13.26
N VAL C 63 -5.61 13.49 14.21
CA VAL C 63 -5.11 14.03 15.47
C VAL C 63 -4.37 12.97 16.27
N ARG C 64 -4.84 11.71 16.24
CA ARG C 64 -4.11 10.64 16.90
C ARG C 64 -2.69 10.51 16.36
N GLN C 65 -2.54 10.67 15.04
CA GLN C 65 -1.21 10.61 14.46
C GLN C 65 -0.38 11.84 14.84
N LEU C 66 -0.98 13.03 14.83
CA LEU C 66 -0.24 14.20 15.31
C LEU C 66 0.34 13.94 16.70
N ASN C 67 -0.45 13.36 17.60
CA ASN C 67 0.06 13.04 18.93
C ASN C 67 1.19 12.03 18.85
N MET C 68 1.03 10.97 18.04
CA MET C 68 2.07 9.95 17.93
C MET C 68 3.38 10.53 17.42
N TYR C 69 3.34 11.61 16.63
CA TYR C 69 4.56 12.21 16.12
C TYR C 69 5.03 13.41 16.93
N GLY C 70 4.42 13.67 18.08
CA GLY C 70 4.91 14.69 18.99
C GLY C 70 4.46 16.10 18.69
N PHE C 71 3.52 16.27 17.75
CA PHE C 71 2.95 17.58 17.51
C PHE C 71 2.13 18.02 18.72
N ARG C 72 2.04 19.33 18.91
CA ARG C 72 1.25 19.92 19.97
C ARG C 72 0.33 20.99 19.41
N LYS C 73 -0.88 21.07 19.98
CA LYS C 73 -1.81 22.13 19.61
C LYS C 73 -1.32 23.46 20.19
N VAL C 74 -1.50 24.53 19.43
CA VAL C 74 -1.12 25.87 19.83
C VAL C 74 -2.38 26.62 20.24
N VAL C 75 -2.29 27.40 21.32
CA VAL C 75 -3.41 28.24 21.76
C VAL C 75 -3.65 29.37 20.77
N PRO C 89 -10.02 28.12 13.27
CA PRO C 89 -8.75 27.48 12.90
C PRO C 89 -8.03 26.85 14.07
N VAL C 90 -7.59 25.60 13.88
CA VAL C 90 -6.76 24.91 14.85
C VAL C 90 -5.31 24.98 14.36
N GLU C 91 -4.39 24.99 15.31
CA GLU C 91 -2.97 25.22 15.01
C GLU C 91 -2.15 24.13 15.69
N PHE C 92 -1.22 23.54 14.95
CA PHE C 92 -0.33 22.51 15.49
C PHE C 92 1.11 22.88 15.17
N GLN C 93 2.01 22.47 16.06
CA GLN C 93 3.43 22.75 15.85
C GLN C 93 4.27 21.56 16.29
N HIS C 94 5.43 21.43 15.67
CA HIS C 94 6.48 20.51 16.05
C HIS C 94 7.79 21.22 15.82
N PRO C 95 8.73 21.14 16.77
CA PRO C 95 10.03 21.81 16.59
C PRO C 95 10.72 21.50 15.28
N TYR C 96 10.52 20.31 14.71
CA TYR C 96 11.20 19.92 13.48
C TYR C 96 10.30 19.97 12.26
N PHE C 97 9.16 20.65 12.36
CA PHE C 97 8.22 20.80 11.25
C PHE C 97 8.15 22.29 10.92
N LYS C 98 8.98 22.73 9.97
CA LYS C 98 9.13 24.16 9.68
C LYS C 98 9.14 24.42 8.18
N GLN C 99 8.47 25.48 7.77
CA GLN C 99 8.42 25.89 6.37
C GLN C 99 9.84 26.06 5.81
N GLY C 100 10.06 25.51 4.62
CA GLY C 100 11.33 25.66 3.95
C GLY C 100 12.45 24.79 4.48
N GLN C 101 12.14 23.82 5.34
CA GLN C 101 13.18 23.05 6.01
C GLN C 101 12.76 21.57 6.09
N ASP C 102 12.39 20.99 4.95
CA ASP C 102 11.98 19.60 4.96
C ASP C 102 13.11 18.64 5.34
N ASP C 103 14.37 19.10 5.25
CA ASP C 103 15.49 18.27 5.68
C ASP C 103 15.39 17.92 7.17
N LEU C 104 14.66 18.71 7.95
CA LEU C 104 14.53 18.49 9.38
C LEU C 104 13.54 17.39 9.73
N LEU C 105 12.67 16.98 8.79
CA LEU C 105 11.67 15.98 9.14
C LEU C 105 12.30 14.69 9.60
N GLU C 106 13.51 14.37 9.12
CA GLU C 106 14.14 13.11 9.49
C GLU C 106 14.39 13.02 10.98
N ASN C 107 14.37 14.16 11.69
CA ASN C 107 14.56 14.20 13.14
C ASN C 107 13.32 13.78 13.91
N ILE C 108 12.16 13.67 13.28
CA ILE C 108 10.90 13.38 13.96
C ILE C 108 10.72 11.86 14.01
N LYS C 109 10.65 11.30 15.22
CA LYS C 109 10.53 9.86 15.42
C LYS C 109 9.19 9.53 16.06
N ARG C 110 8.43 8.63 15.43
CA ARG C 110 7.14 8.27 15.97
C ARG C 110 7.27 7.61 17.33
N LYS C 111 6.29 7.85 18.19
CA LYS C 111 6.22 7.14 19.46
C LYS C 111 6.07 5.65 19.21
N VAL C 112 6.59 4.84 20.15
CA VAL C 112 6.35 3.41 20.12
C VAL C 112 5.14 3.11 21.00
#